data_7MMA
#
_entry.id   7MMA
#
_cell.length_a   54.083
_cell.length_b   58.504
_cell.length_c   59.688
_cell.angle_alpha   90.000
_cell.angle_beta   90.000
_cell.angle_gamma   90.000
#
_symmetry.space_group_name_H-M   'P 21 21 21'
#
loop_
_entity.id
_entity.type
_entity.pdbx_description
1 polymer 'NS3 protease'
2 non-polymer 'ZINC ION'
3 non-polymer '(2R)-1,1,1-trifluoropropan-2-yl {(2R,4R,6S,12Z,13aS,14aR,16aS)-2-[(7-methoxy-3-methylquinoxalin-2-yl)oxy]-14a-[(1-methylcyclopropane-1-sulfonyl)carbamoyl]-5,16-dioxo-1,2,3,5,6,7,8,9,10,11,13a,14,14a,15,16,16a-hexadecahydrocyclopropa[e]pyrrolo[1,2-a][1,4]diazacyclopentadecin-6-yl}carbamate'
4 non-polymer 1,2-ETHANEDIOL
5 non-polymer 'SULFATE ION'
6 water water
#
_entity_poly.entity_id   1
_entity_poly.type   'polypeptide(L)'
_entity_poly.pdbx_seq_one_letter_code
;HMASMKKKGSVVIVGRINLSGDTAYAQQTRGEEGCQETSQTGRDKNQVEGEVQIVSTATQTFLATSINGVLWTVYHGAGT
RTIASPKGPVTQMYTNVDKDLVGWQAPQGSRSLTPCTCGSSDLYLVTRHADVIPVRRRGDSRGSLLSPRPISYLKGSSGG
PLLCPAGHAVGIFRAAVSTRGVAKAVDFIPVESLETTMRS
;
_entity_poly.pdbx_strand_id   A
#
loop_
_chem_comp.id
_chem_comp.type
_chem_comp.name
_chem_comp.formula
EDO non-polymer 1,2-ETHANEDIOL 'C2 H6 O2'
SO4 non-polymer 'SULFATE ION' 'O4 S -2'
ZKJ non-polymer '(2R)-1,1,1-trifluoropropan-2-yl {(2R,4R,6S,12Z,13aS,14aR,16aS)-2-[(7-methoxy-3-methylquinoxalin-2-yl)oxy]-14a-[(1-methylcyclopropane-1-sulfonyl)carbamoyl]-5,16-dioxo-1,2,3,5,6,7,8,9,10,11,13a,14,14a,15,16,16a-hexadecahydrocyclopropa[e]pyrrolo[1,2-a][1,4]diazacyclopentadecin-6-yl}carbamate' 'C36 H45 F3 N6 O9 S'
ZN non-polymer 'ZINC ION' 'Zn 2'
#
# COMPACT_ATOMS: atom_id res chain seq x y z
N HIS A 1 -5.36 -15.38 30.31
CA HIS A 1 -4.39 -16.36 30.81
C HIS A 1 -3.36 -16.62 29.73
N MET A 2 -2.10 -16.88 30.12
CA MET A 2 -1.02 -17.00 29.13
C MET A 2 -1.25 -18.16 28.18
N ALA A 3 -1.84 -19.25 28.68
CA ALA A 3 -2.07 -20.44 27.87
C ALA A 3 -3.07 -20.14 26.75
N SER A 4 -3.97 -19.20 26.99
CA SER A 4 -5.01 -18.88 26.04
C SER A 4 -4.66 -17.73 25.11
N MET A 5 -3.54 -17.04 25.32
CA MET A 5 -3.28 -15.83 24.55
C MET A 5 -3.11 -16.16 23.07
N LYS A 6 -3.81 -15.40 22.24
CA LYS A 6 -3.82 -15.59 20.79
C LYS A 6 -2.68 -14.77 20.17
N LYS A 7 -2.35 -15.12 18.93
CA LYS A 7 -1.40 -14.39 18.11
C LYS A 7 -2.12 -13.83 16.89
N LYS A 8 -1.84 -12.57 16.56
CA LYS A 8 -2.38 -11.97 15.35
C LYS A 8 -1.73 -12.64 14.15
N GLY A 9 -2.51 -12.80 13.11
CA GLY A 9 -2.01 -13.39 11.90
C GLY A 9 -1.17 -12.43 11.12
N SER A 10 -0.63 -12.95 10.02
CA SER A 10 0.15 -12.16 9.11
C SER A 10 -0.74 -11.39 8.15
N VAL A 11 -0.20 -10.27 7.66
CA VAL A 11 -0.71 -9.66 6.44
C VAL A 11 -0.48 -10.61 5.29
N VAL A 12 -1.46 -10.70 4.39
CA VAL A 12 -1.46 -11.63 3.27
C VAL A 12 -1.69 -10.84 1.99
N ILE A 13 -0.88 -11.13 0.96
CA ILE A 13 -1.13 -10.59 -0.37
C ILE A 13 -2.32 -11.33 -0.97
N VAL A 14 -3.35 -10.58 -1.37
CA VAL A 14 -4.53 -11.20 -1.96
C VAL A 14 -4.74 -10.79 -3.40
N GLY A 15 -3.93 -9.90 -3.94
CA GLY A 15 -4.11 -9.49 -5.32
C GLY A 15 -3.12 -8.40 -5.67
N ARG A 16 -3.29 -7.82 -6.86
CA ARG A 16 -2.39 -6.76 -7.27
C ARG A 16 -3.10 -5.79 -8.19
N ILE A 17 -2.47 -4.64 -8.40
CA ILE A 17 -2.93 -3.70 -9.41
C ILE A 17 -2.00 -3.85 -10.58
N ASN A 18 -2.55 -4.30 -11.68
CA ASN A 18 -1.76 -4.52 -12.87
C ASN A 18 -1.59 -3.20 -13.62
N LEU A 19 -0.35 -2.76 -13.74
CA LEU A 19 -0.01 -1.55 -14.46
C LEU A 19 0.88 -1.83 -15.65
N SER A 20 0.98 -3.11 -16.04
CA SER A 20 1.94 -3.54 -17.04
C SER A 20 1.57 -3.13 -18.45
N GLY A 21 0.29 -2.88 -18.71
CA GLY A 21 -0.15 -2.72 -20.08
C GLY A 21 -0.64 -1.32 -20.35
N ASP A 22 -1.64 -1.20 -21.23
CA ASP A 22 -2.31 0.05 -21.54
C ASP A 22 -3.47 0.37 -20.61
N THR A 23 -3.93 -0.59 -19.83
CA THR A 23 -5.14 -0.51 -19.03
C THR A 23 -4.80 -0.96 -17.62
N ALA A 24 -5.13 -0.16 -16.62
CA ALA A 24 -4.88 -0.56 -15.24
C ALA A 24 -6.07 -1.37 -14.75
N TYR A 25 -5.79 -2.47 -14.07
CA TYR A 25 -6.90 -3.27 -13.55
C TYR A 25 -6.44 -4.07 -12.33
N ALA A 26 -7.38 -4.23 -11.40
CA ALA A 26 -7.15 -5.07 -10.23
C ALA A 26 -7.29 -6.55 -10.57
N GLN A 27 -6.40 -7.35 -10.00
CA GLN A 27 -6.44 -8.79 -10.08
C GLN A 27 -6.49 -9.38 -8.69
N GLN A 28 -7.40 -10.32 -8.45
CA GLN A 28 -7.35 -11.06 -7.21
C GLN A 28 -6.56 -12.34 -7.43
N THR A 29 -5.68 -12.64 -6.49
CA THR A 29 -4.86 -13.86 -6.53
C THR A 29 -5.17 -14.85 -5.41
N ARG A 30 -5.93 -14.44 -4.38
CA ARG A 30 -6.38 -15.33 -3.32
C ARG A 30 -7.72 -14.89 -2.76
N GLY A 31 -8.65 -15.86 -2.57
CA GLY A 31 -9.94 -15.57 -1.99
C GLY A 31 -9.90 -15.56 -0.47
N GLU A 32 -11.07 -15.27 0.12
CA GLU A 32 -11.12 -14.97 1.56
C GLU A 32 -10.75 -16.16 2.41
N GLU A 33 -11.22 -17.37 2.06
CA GLU A 33 -10.89 -18.54 2.87
C GLU A 33 -9.40 -18.84 2.87
N GLY A 34 -8.79 -18.79 1.67
CA GLY A 34 -7.37 -19.00 1.58
C GLY A 34 -6.59 -17.88 2.25
N CYS A 35 -7.12 -16.67 2.21
CA CYS A 35 -6.46 -15.58 2.91
C CYS A 35 -6.44 -15.86 4.41
N GLN A 36 -7.57 -16.30 4.95
CA GLN A 36 -7.64 -16.59 6.38
C GLN A 36 -6.63 -17.67 6.81
N GLU A 37 -6.53 -18.76 6.04
CA GLU A 37 -5.57 -19.83 6.37
C GLU A 37 -4.13 -19.32 6.28
N THR A 38 -3.83 -18.56 5.21
CA THR A 38 -2.49 -18.06 4.99
C THR A 38 -2.12 -17.06 6.08
N SER A 39 -3.08 -16.32 6.59
CA SER A 39 -2.78 -15.37 7.65
C SER A 39 -2.41 -16.11 8.92
N GLN A 40 -3.06 -17.24 9.17
CA GLN A 40 -2.74 -18.01 10.38
C GLN A 40 -1.38 -18.71 10.27
N THR A 41 -1.09 -19.34 9.12
CA THR A 41 0.18 -20.04 8.98
C THR A 41 1.35 -19.14 8.64
N GLY A 42 1.08 -17.99 8.02
CA GLY A 42 2.10 -17.16 7.47
C GLY A 42 2.84 -17.72 6.28
N ARG A 43 2.34 -18.80 5.67
CA ARG A 43 2.98 -19.46 4.56
C ARG A 43 2.17 -19.22 3.30
N ASP A 44 2.71 -18.38 2.43
CA ASP A 44 2.06 -18.04 1.16
C ASP A 44 2.96 -18.48 0.01
N LYS A 45 2.52 -19.52 -0.69
CA LYS A 45 3.27 -20.07 -1.81
C LYS A 45 2.91 -19.42 -3.14
N ASN A 46 1.96 -18.49 -3.17
CA ASN A 46 1.55 -17.89 -4.43
C ASN A 46 2.65 -17.05 -5.00
N GLN A 47 2.80 -17.10 -6.32
CA GLN A 47 3.68 -16.21 -7.04
C GLN A 47 3.24 -14.76 -6.87
N VAL A 48 4.21 -13.89 -6.59
CA VAL A 48 3.98 -12.45 -6.51
C VAL A 48 4.51 -11.80 -7.78
N GLU A 49 3.75 -10.85 -8.30
CA GLU A 49 4.17 -10.05 -9.44
C GLU A 49 3.77 -8.61 -9.20
N GLY A 50 4.48 -7.69 -9.87
CA GLY A 50 4.03 -6.32 -9.93
C GLY A 50 4.49 -5.47 -8.77
N GLU A 51 4.09 -4.20 -8.84
CA GLU A 51 4.52 -3.15 -7.91
C GLU A 51 3.55 -2.88 -6.78
N VAL A 52 2.25 -2.89 -7.08
CA VAL A 52 1.21 -2.55 -6.11
C VAL A 52 0.45 -3.84 -5.76
N GLN A 53 0.58 -4.26 -4.51
CA GLN A 53 -0.12 -5.41 -3.98
C GLN A 53 -1.37 -4.98 -3.23
N ILE A 54 -2.41 -5.80 -3.33
CA ILE A 54 -3.58 -5.72 -2.48
C ILE A 54 -3.34 -6.68 -1.33
N VAL A 55 -3.46 -6.18 -0.09
CA VAL A 55 -3.15 -6.98 1.09
C VAL A 55 -4.33 -6.97 2.04
N SER A 56 -4.36 -8.00 2.90
N SER A 56 -4.37 -8.00 2.90
CA SER A 56 -5.44 -8.12 3.86
CA SER A 56 -5.45 -8.14 3.85
C SER A 56 -4.98 -8.77 5.14
C SER A 56 -4.94 -8.74 5.15
N THR A 57 -5.59 -8.36 6.24
CA THR A 57 -5.53 -9.09 7.51
C THR A 57 -6.87 -9.78 7.69
N ALA A 58 -7.12 -10.32 8.89
CA ALA A 58 -8.44 -10.88 9.16
C ALA A 58 -9.54 -9.82 9.16
N THR A 59 -9.20 -8.56 9.40
CA THR A 59 -10.19 -7.53 9.63
C THR A 59 -10.09 -6.32 8.69
N GLN A 60 -8.99 -6.18 7.96
CA GLN A 60 -8.82 -5.01 7.12
C GLN A 60 -8.21 -5.38 5.77
N THR A 61 -8.47 -4.56 4.76
CA THR A 61 -7.81 -4.71 3.48
C THR A 61 -7.36 -3.33 2.98
N PHE A 62 -6.21 -3.29 2.31
CA PHE A 62 -5.52 -2.05 1.95
C PHE A 62 -4.47 -2.45 0.89
N LEU A 63 -3.56 -1.56 0.59
CA LEU A 63 -2.55 -1.75 -0.43
C LEU A 63 -1.15 -1.73 0.18
N ALA A 64 -0.20 -2.24 -0.59
CA ALA A 64 1.21 -2.15 -0.26
C ALA A 64 2.00 -2.01 -1.55
N THR A 65 3.03 -1.19 -1.52
CA THR A 65 3.75 -0.77 -2.72
C THR A 65 5.24 -1.02 -2.58
N SER A 66 5.84 -1.65 -3.59
CA SER A 66 7.27 -1.91 -3.55
C SER A 66 8.00 -0.71 -4.13
N ILE A 67 8.92 -0.16 -3.34
CA ILE A 67 9.79 0.93 -3.77
C ILE A 67 11.19 0.61 -3.28
N ASN A 68 12.16 0.53 -4.20
CA ASN A 68 13.56 0.31 -3.85
C ASN A 68 13.74 -0.93 -2.98
N GLY A 69 13.05 -2.00 -3.34
CA GLY A 69 13.26 -3.27 -2.68
C GLY A 69 12.56 -3.43 -1.35
N VAL A 70 11.66 -2.52 -1.00
CA VAL A 70 10.90 -2.60 0.24
C VAL A 70 9.43 -2.52 -0.14
N LEU A 71 8.64 -3.42 0.44
CA LEU A 71 7.18 -3.39 0.32
C LEU A 71 6.65 -2.53 1.46
N TRP A 72 6.13 -1.36 1.13
CA TRP A 72 5.72 -0.33 2.08
C TRP A 72 4.21 -0.32 2.25
N THR A 73 3.75 -0.08 3.49
CA THR A 73 2.32 0.17 3.70
C THR A 73 2.15 1.04 4.93
N VAL A 74 0.89 1.16 5.38
CA VAL A 74 0.56 1.98 6.54
C VAL A 74 0.46 1.18 7.83
N TYR A 75 0.97 1.78 8.91
CA TYR A 75 0.84 1.20 10.24
C TYR A 75 -0.63 1.01 10.65
N HIS A 76 -1.54 1.92 10.25
CA HIS A 76 -2.93 1.76 10.66
C HIS A 76 -3.63 0.59 9.99
N GLY A 77 -3.03 0.04 8.95
CA GLY A 77 -3.47 -1.20 8.34
C GLY A 77 -2.75 -2.42 8.89
N ALA A 78 -1.43 -2.40 8.88
CA ALA A 78 -0.61 -3.56 9.22
C ALA A 78 -0.26 -3.70 10.69
N GLY A 79 -0.30 -2.62 11.46
CA GLY A 79 0.33 -2.64 12.77
C GLY A 79 1.75 -3.13 12.68
N THR A 80 2.13 -3.95 13.67
CA THR A 80 3.45 -4.56 13.72
C THR A 80 3.47 -5.96 13.11
N ARG A 81 2.47 -6.31 12.31
N ARG A 81 2.48 -6.30 12.29
CA ARG A 81 2.32 -7.67 11.84
CA ARG A 81 2.33 -7.66 11.83
C ARG A 81 3.42 -8.11 10.87
C ARG A 81 3.44 -8.10 10.88
N THR A 82 3.71 -9.41 10.91
CA THR A 82 4.48 -10.06 9.86
C THR A 82 3.67 -10.09 8.56
N ILE A 83 4.37 -10.38 7.45
CA ILE A 83 3.69 -10.70 6.18
C ILE A 83 3.98 -12.15 5.81
N ALA A 84 3.00 -12.81 5.20
CA ALA A 84 3.15 -14.18 4.78
C ALA A 84 4.09 -14.27 3.61
N SER A 85 4.83 -15.37 3.50
CA SER A 85 5.81 -15.56 2.44
C SER A 85 5.95 -17.05 2.22
N PRO A 86 6.61 -17.48 1.15
CA PRO A 86 6.74 -18.94 0.89
C PRO A 86 7.41 -19.70 1.99
N LYS A 87 8.27 -19.06 2.77
CA LYS A 87 9.00 -19.74 3.85
C LYS A 87 8.48 -19.37 5.23
N GLY A 88 7.34 -18.66 5.32
CA GLY A 88 6.73 -18.35 6.58
C GLY A 88 6.70 -16.86 6.84
N PRO A 89 6.30 -16.50 8.05
CA PRO A 89 6.14 -15.06 8.40
C PRO A 89 7.45 -14.30 8.32
N VAL A 90 7.38 -13.13 7.70
CA VAL A 90 8.50 -12.20 7.58
C VAL A 90 8.26 -10.98 8.46
N THR A 91 9.20 -10.71 9.38
CA THR A 91 9.13 -9.57 10.29
C THR A 91 9.40 -8.26 9.55
N GLN A 92 8.68 -7.23 9.93
CA GLN A 92 8.94 -5.90 9.41
C GLN A 92 10.43 -5.53 9.52
N MET A 93 10.92 -4.84 8.51
CA MET A 93 12.23 -4.21 8.56
C MET A 93 12.18 -2.73 8.86
N TYR A 94 11.01 -2.13 8.72
CA TYR A 94 10.80 -0.75 9.09
C TYR A 94 9.45 -0.62 9.76
N THR A 95 9.40 0.17 10.84
CA THR A 95 8.17 0.47 11.54
C THR A 95 8.30 1.90 12.05
N ASN A 96 7.39 2.78 11.66
CA ASN A 96 7.42 4.16 12.17
C ASN A 96 6.00 4.66 12.36
N VAL A 97 5.49 4.47 13.58
CA VAL A 97 4.14 4.89 13.93
C VAL A 97 3.95 6.40 13.72
N ASP A 98 5.02 7.19 13.89
CA ASP A 98 4.93 8.65 13.77
C ASP A 98 4.66 9.07 12.34
N LYS A 99 5.03 8.24 11.40
CA LYS A 99 4.73 8.48 9.99
C LYS A 99 3.58 7.64 9.48
N ASP A 100 2.98 6.77 10.31
CA ASP A 100 2.00 5.77 9.87
C ASP A 100 2.59 4.82 8.83
N LEU A 101 3.85 4.40 9.03
CA LEU A 101 4.60 3.72 7.97
C LEU A 101 5.13 2.37 8.46
N VAL A 102 5.01 1.35 7.63
CA VAL A 102 5.73 0.10 7.87
C VAL A 102 6.31 -0.41 6.55
N GLY A 103 7.28 -1.31 6.65
CA GLY A 103 7.83 -1.93 5.46
C GLY A 103 8.42 -3.29 5.77
N TRP A 104 8.34 -4.16 4.78
CA TRP A 104 9.00 -5.46 4.79
C TRP A 104 9.88 -5.56 3.54
N GLN A 105 10.84 -6.48 3.55
CA GLN A 105 11.57 -6.76 2.32
C GLN A 105 10.58 -7.10 1.22
N ALA A 106 10.84 -6.58 0.02
CA ALA A 106 9.93 -6.82 -1.10
C ALA A 106 9.92 -8.31 -1.43
N PRO A 107 8.74 -8.87 -1.73
CA PRO A 107 8.64 -10.29 -2.03
C PRO A 107 9.39 -10.66 -3.30
N GLN A 108 9.97 -11.86 -3.28
CA GLN A 108 10.56 -12.39 -4.50
C GLN A 108 9.51 -12.42 -5.59
N GLY A 109 9.85 -11.89 -6.74
CA GLY A 109 8.94 -11.79 -7.87
C GLY A 109 8.30 -10.43 -8.07
N SER A 110 8.18 -9.63 -7.02
CA SER A 110 7.71 -8.27 -7.16
C SER A 110 8.66 -7.44 -8.01
N ARG A 111 8.12 -6.34 -8.53
CA ARG A 111 8.83 -5.29 -9.25
C ARG A 111 8.77 -4.06 -8.36
N SER A 112 9.88 -3.36 -8.22
CA SER A 112 9.91 -2.18 -7.37
C SER A 112 9.82 -0.93 -8.22
N LEU A 113 9.07 0.06 -7.73
CA LEU A 113 9.12 1.39 -8.30
C LEU A 113 10.43 2.08 -7.92
N THR A 114 10.82 3.00 -8.77
CA THR A 114 12.00 3.85 -8.55
C THR A 114 11.60 5.13 -7.82
N PRO A 115 12.33 5.56 -6.79
CA PRO A 115 12.00 6.83 -6.13
C PRO A 115 12.15 7.99 -7.11
N CYS A 116 11.15 8.84 -7.13
CA CYS A 116 11.16 9.99 -8.02
C CYS A 116 12.18 11.03 -7.60
N THR A 117 12.92 11.54 -8.59
CA THR A 117 13.75 12.72 -8.38
C THR A 117 13.36 13.84 -9.33
N CYS A 118 12.14 13.79 -9.89
CA CYS A 118 11.75 14.74 -10.93
C CYS A 118 11.41 16.12 -10.37
N GLY A 119 10.93 16.18 -9.13
CA GLY A 119 10.48 17.44 -8.55
C GLY A 119 9.23 17.96 -9.20
N SER A 120 8.40 17.05 -9.76
CA SER A 120 7.17 17.43 -10.45
C SER A 120 6.03 17.44 -9.46
N SER A 121 5.05 18.33 -9.68
CA SER A 121 3.88 18.39 -8.84
C SER A 121 2.63 17.81 -9.51
N ASP A 122 2.75 17.19 -10.69
CA ASP A 122 1.62 16.58 -11.39
C ASP A 122 1.66 15.08 -11.12
N LEU A 123 0.86 14.64 -10.16
CA LEU A 123 0.91 13.28 -9.65
C LEU A 123 -0.32 12.48 -10.03
N TYR A 124 -0.25 11.15 -9.77
CA TYR A 124 -1.31 10.20 -10.07
C TYR A 124 -1.39 9.22 -8.91
N LEU A 125 -2.56 9.13 -8.30
CA LEU A 125 -2.82 8.19 -7.21
C LEU A 125 -3.45 6.95 -7.80
N VAL A 126 -2.91 5.78 -7.45
CA VAL A 126 -3.43 4.49 -7.93
C VAL A 126 -4.20 3.86 -6.79
N THR A 127 -5.48 3.55 -7.00
CA THR A 127 -6.34 2.99 -5.97
C THR A 127 -6.47 1.47 -6.09
N ARG A 128 -7.12 0.87 -5.08
CA ARG A 128 -7.31 -0.57 -5.06
C ARG A 128 -8.26 -1.03 -6.15
N HIS A 129 -9.01 -0.11 -6.74
CA HIS A 129 -9.89 -0.40 -7.85
C HIS A 129 -9.24 -0.12 -9.19
N ALA A 130 -7.94 0.17 -9.17
CA ALA A 130 -7.13 0.49 -10.33
C ALA A 130 -7.58 1.79 -11.00
N ASP A 131 -8.22 2.68 -10.23
CA ASP A 131 -8.42 4.05 -10.70
C ASP A 131 -7.08 4.75 -10.64
N VAL A 132 -6.79 5.56 -11.67
CA VAL A 132 -5.59 6.38 -11.73
C VAL A 132 -6.09 7.82 -11.67
N ILE A 133 -5.90 8.44 -10.52
CA ILE A 133 -6.55 9.67 -10.10
C ILE A 133 -5.53 10.79 -10.16
N PRO A 134 -5.70 11.78 -11.03
CA PRO A 134 -4.78 12.92 -11.03
C PRO A 134 -4.89 13.74 -9.75
N VAL A 135 -3.71 14.06 -9.21
CA VAL A 135 -3.53 14.78 -7.95
C VAL A 135 -2.47 15.85 -8.19
N ARG A 136 -2.77 17.11 -7.82
CA ARG A 136 -1.77 18.19 -7.85
C ARG A 136 -1.08 18.23 -6.49
N ARG A 137 0.24 18.10 -6.49
CA ARG A 137 0.99 18.18 -5.25
C ARG A 137 0.84 19.58 -4.66
N ARG A 138 0.52 19.65 -3.36
CA ARG A 138 0.27 20.91 -2.66
C ARG A 138 1.20 21.15 -1.48
N GLY A 139 2.01 20.15 -1.11
CA GLY A 139 3.03 20.31 -0.08
C GLY A 139 3.87 19.06 -0.05
N ASP A 140 4.72 18.97 0.97
CA ASP A 140 5.55 17.79 1.14
C ASP A 140 4.73 16.51 1.28
N SER A 141 3.55 16.57 1.92
CA SER A 141 2.73 15.40 2.18
C SER A 141 1.27 15.54 1.78
N ARG A 142 0.94 16.53 0.94
CA ARG A 142 -0.44 16.81 0.58
C ARG A 142 -0.57 16.98 -0.93
N GLY A 143 -1.73 16.59 -1.45
CA GLY A 143 -2.09 16.82 -2.84
C GLY A 143 -3.59 16.96 -2.97
N SER A 144 -4.03 17.74 -3.94
N SER A 144 -4.02 17.75 -3.95
CA SER A 144 -5.46 17.93 -4.13
CA SER A 144 -5.44 17.96 -4.20
C SER A 144 -5.95 17.13 -5.32
C SER A 144 -5.91 17.01 -5.30
N LEU A 145 -7.11 16.49 -5.15
N LEU A 145 -7.13 16.46 -5.15
CA LEU A 145 -7.73 15.76 -6.25
CA LEU A 145 -7.73 15.73 -6.26
C LEU A 145 -8.18 16.75 -7.31
C LEU A 145 -8.23 16.71 -7.31
N LEU A 146 -7.87 16.48 -8.57
CA LEU A 146 -8.36 17.38 -9.59
C LEU A 146 -9.86 17.19 -9.75
N SER A 147 -10.36 15.99 -9.49
CA SER A 147 -11.79 15.69 -9.48
C SER A 147 -12.14 15.07 -8.14
N PRO A 148 -12.64 15.86 -7.20
CA PRO A 148 -13.03 15.33 -5.88
C PRO A 148 -14.06 14.22 -6.01
N ARG A 149 -14.10 13.36 -5.01
CA ARG A 149 -15.13 12.31 -5.00
C ARG A 149 -15.32 11.81 -3.58
N PRO A 150 -16.41 11.10 -3.32
CA PRO A 150 -16.67 10.63 -1.94
C PRO A 150 -15.54 9.78 -1.41
N ILE A 151 -15.33 9.85 -0.10
CA ILE A 151 -14.19 9.15 0.52
C ILE A 151 -14.34 7.66 0.34
N SER A 152 -15.59 7.19 0.17
CA SER A 152 -15.83 5.77 -0.12
C SER A 152 -14.91 5.23 -1.20
N TYR A 153 -14.63 6.06 -2.22
CA TYR A 153 -13.89 5.61 -3.39
C TYR A 153 -12.42 5.44 -3.08
N LEU A 154 -11.93 6.07 -1.99
CA LEU A 154 -10.54 5.97 -1.58
C LEU A 154 -10.32 4.97 -0.47
N LYS A 155 -11.38 4.60 0.26
CA LYS A 155 -11.27 3.66 1.36
C LYS A 155 -10.69 2.34 0.87
N GLY A 156 -9.69 1.85 1.61
CA GLY A 156 -8.99 0.64 1.24
C GLY A 156 -7.82 0.84 0.31
N SER A 157 -7.45 2.09 0.00
CA SER A 157 -6.32 2.35 -0.87
C SER A 157 -5.11 2.93 -0.14
N SER A 158 -5.15 3.08 1.18
CA SER A 158 -3.94 3.43 1.89
C SER A 158 -2.85 2.40 1.59
N GLY A 159 -1.62 2.87 1.53
CA GLY A 159 -0.55 2.01 1.08
C GLY A 159 -0.27 2.06 -0.40
N GLY A 160 -1.19 2.61 -1.19
CA GLY A 160 -1.02 2.76 -2.62
C GLY A 160 -0.08 3.91 -2.96
N PRO A 161 0.40 3.94 -4.19
CA PRO A 161 1.36 4.97 -4.60
C PRO A 161 0.75 6.23 -5.18
N LEU A 162 1.44 7.34 -4.93
CA LEU A 162 1.37 8.50 -5.81
C LEU A 162 2.56 8.42 -6.74
N LEU A 163 2.31 8.50 -8.04
CA LEU A 163 3.33 8.41 -9.09
C LEU A 163 3.50 9.76 -9.80
N CYS A 164 4.72 10.03 -10.29
CA CYS A 164 4.95 11.18 -11.15
C CYS A 164 4.56 10.84 -12.59
N PRO A 165 4.64 11.81 -13.49
CA PRO A 165 4.30 11.52 -14.89
C PRO A 165 5.09 10.40 -15.50
N ALA A 166 6.34 10.19 -15.05
CA ALA A 166 7.26 9.19 -15.57
C ALA A 166 7.09 7.84 -14.89
N GLY A 167 6.17 7.71 -13.96
CA GLY A 167 5.93 6.43 -13.31
C GLY A 167 6.79 6.14 -12.13
N HIS A 168 7.52 7.13 -11.60
CA HIS A 168 8.30 6.94 -10.38
C HIS A 168 7.40 7.09 -9.15
N ALA A 169 7.86 6.52 -8.03
CA ALA A 169 7.14 6.69 -6.78
C ALA A 169 7.46 8.03 -6.12
N VAL A 170 6.44 8.82 -5.85
CA VAL A 170 6.52 10.09 -5.14
C VAL A 170 6.07 9.93 -3.68
N GLY A 171 5.16 9.00 -3.39
CA GLY A 171 4.76 8.80 -2.01
C GLY A 171 3.81 7.63 -1.86
N ILE A 172 3.42 7.41 -0.60
CA ILE A 172 2.52 6.35 -0.18
C ILE A 172 1.26 7.01 0.42
N PHE A 173 0.09 6.70 -0.15
CA PHE A 173 -1.18 7.26 0.32
C PHE A 173 -1.45 6.87 1.77
N ARG A 174 -1.73 7.87 2.59
CA ARG A 174 -1.91 7.69 4.02
C ARG A 174 -3.31 8.02 4.51
N ALA A 175 -3.85 9.17 4.14
CA ALA A 175 -5.13 9.63 4.69
C ALA A 175 -5.82 10.53 3.69
N ALA A 176 -7.16 10.63 3.83
CA ALA A 176 -7.98 11.46 2.98
C ALA A 176 -8.48 12.66 3.75
N VAL A 177 -8.42 13.83 3.12
CA VAL A 177 -8.92 15.09 3.65
C VAL A 177 -10.27 15.33 3.03
N SER A 178 -11.30 15.43 3.88
CA SER A 178 -12.68 15.36 3.44
C SER A 178 -13.48 16.51 4.01
N THR A 179 -14.46 16.94 3.23
CA THR A 179 -15.45 17.92 3.65
C THR A 179 -16.80 17.32 3.30
N ARG A 180 -17.66 17.12 4.31
CA ARG A 180 -18.98 16.55 4.08
C ARG A 180 -18.90 15.26 3.28
N GLY A 181 -17.90 14.45 3.60
CA GLY A 181 -17.73 13.16 2.97
C GLY A 181 -17.00 13.18 1.65
N VAL A 182 -16.67 14.36 1.11
CA VAL A 182 -16.05 14.48 -0.20
C VAL A 182 -14.56 14.66 0.02
N ALA A 183 -13.76 13.77 -0.58
CA ALA A 183 -12.30 13.87 -0.57
C ALA A 183 -11.87 14.96 -1.55
N LYS A 184 -11.32 16.05 -1.01
CA LYS A 184 -10.75 17.09 -1.84
C LYS A 184 -9.24 16.98 -1.92
N ALA A 185 -8.61 16.31 -0.96
CA ALA A 185 -7.16 16.25 -0.91
C ALA A 185 -6.74 14.95 -0.26
N VAL A 186 -5.49 14.61 -0.45
CA VAL A 186 -4.92 13.42 0.15
C VAL A 186 -3.65 13.80 0.89
N ASP A 187 -3.37 13.03 1.92
CA ASP A 187 -2.19 13.10 2.78
C ASP A 187 -1.38 11.85 2.46
N PHE A 188 -0.08 12.00 2.26
CA PHE A 188 0.77 10.90 1.86
C PHE A 188 2.15 11.03 2.48
N ILE A 189 2.81 9.87 2.57
CA ILE A 189 4.18 9.77 3.07
C ILE A 189 5.11 9.98 1.88
N PRO A 190 5.87 11.09 1.83
CA PRO A 190 6.74 11.29 0.67
C PRO A 190 7.84 10.25 0.62
N VAL A 191 8.28 9.97 -0.61
CA VAL A 191 9.34 8.98 -0.81
C VAL A 191 10.63 9.40 -0.10
N GLU A 192 10.88 10.70 0.07
CA GLU A 192 12.09 11.10 0.81
C GLU A 192 12.04 10.71 2.27
N SER A 193 10.83 10.60 2.82
CA SER A 193 10.65 10.15 4.18
C SER A 193 10.89 8.66 4.30
N LEU A 194 10.54 7.92 3.24
CA LEU A 194 10.94 6.54 3.09
C LEU A 194 12.44 6.42 2.93
N GLU A 195 13.02 7.24 2.04
CA GLU A 195 14.46 7.14 1.76
C GLU A 195 15.28 7.54 2.97
N THR A 196 14.74 8.42 3.82
CA THR A 196 15.36 8.71 5.11
C THR A 196 15.29 7.50 6.02
N THR A 197 14.08 6.97 6.23
CA THR A 197 13.92 5.77 7.05
C THR A 197 14.87 4.66 6.58
N MET A 198 15.14 4.56 5.28
CA MET A 198 16.02 3.50 4.74
C MET A 198 17.47 3.71 5.19
ZN ZN B . 9.67 11.16 -11.38
C10 ZKJ C . -8.00 9.06 7.23
C17 ZKJ C . -6.23 13.97 8.52
C21 ZKJ C . -4.23 7.80 10.64
C24 ZKJ C . -1.82 7.24 11.87
C26 ZKJ C . -3.00 8.66 10.39
C28 ZKJ C . -1.70 4.98 13.74
C01 ZKJ C . -6.62 6.96 7.78
C02 ZKJ C . -6.45 6.21 9.10
C03 ZKJ C . -6.53 7.35 10.12
C04 ZKJ C . -7.62 8.07 9.73
C06 ZKJ C . -7.41 6.28 6.65
C09 ZKJ C . -7.06 5.64 4.23
C11 ZKJ C . -8.99 10.10 7.76
C14 ZKJ C . -7.49 11.99 8.35
C18 ZKJ C . -10.32 9.89 7.02
C19 ZKJ C . -10.92 8.47 7.26
C23 ZKJ C . -3.04 6.43 12.13
C27 ZKJ C . -3.01 5.26 13.09
C29 ZKJ C . -0.49 5.81 13.47
C30 ZKJ C . -0.50 6.96 12.54
C32 ZKJ C . -2.79 3.23 14.77
C33 ZKJ C . -3.05 9.83 9.42
C34 ZKJ C . -7.52 4.28 3.94
C40 ZKJ C . -7.66 1.03 6.39
C41 ZKJ C . -7.58 -0.50 6.35
C42 ZKJ C . -6.33 0.34 6.57
C43 ZKJ C . -8.41 1.69 7.57
C44 ZKJ C . -8.07 6.63 3.59
C45 ZKJ C . -9.38 6.45 2.80
C46 ZKJ C . -10.51 7.09 3.08
C47 ZKJ C . -10.71 8.06 4.22
C48 ZKJ C . -11.78 7.40 5.09
C49 ZKJ C . -6.68 6.48 3.00
C50 ZKJ C . -12.16 8.25 6.33
C51 ZKJ C . -4.85 13.85 7.97
C55 ZKJ C . -6.71 15.42 8.32
F52 ZKJ C . -4.86 14.03 6.64
F53 ZKJ C . -4.05 14.79 8.54
F54 ZKJ C . -4.46 12.56 8.23
N05 ZKJ C . -7.43 8.05 8.12
N08 ZKJ C . -6.58 6.00 5.53
N13 ZKJ C . -8.47 11.40 7.50
N22 ZKJ C . -4.30 6.68 11.50
N25 ZKJ C . -1.76 8.37 11.01
N35 ZKJ C . -7.37 3.42 5.07
O07 ZKJ C . -8.59 6.02 6.69
O12 ZKJ C . -7.76 8.92 6.05
O15 ZKJ C . -7.08 13.19 7.76
O16 ZKJ C . -7.11 11.54 9.39
O20 ZKJ C . -5.32 8.18 9.95
O31 ZKJ C . -1.60 3.94 14.59
O36 ZKJ C . -7.92 3.90 2.85
O38 ZKJ C . -9.26 1.82 4.51
O39 ZKJ C . -7.03 1.23 3.77
S37 ZKJ C . -7.83 1.88 4.81
H171 ZKJ C . -6.21 13.71 9.46
H011 ZKJ C . -5.70 7.13 7.50
H022 ZKJ C . -7.16 5.57 9.22
H021 ZKJ C . -5.58 5.77 9.13
H031 ZKJ C . -6.64 7.03 11.03
H041 ZKJ C . -8.44 7.65 10.00
H042 ZKJ C . -7.58 8.99 10.07
H111 ZKJ C . -9.10 10.01 8.71
H181 ZKJ C . -10.17 10.02 6.07
H182 ZKJ C . -10.95 10.56 7.34
H192 ZKJ C . -11.20 8.40 8.18
H191 ZKJ C . -10.25 7.81 7.07
H271 ZKJ C . -3.77 4.75 13.27
H291 ZKJ C . 0.29 5.60 13.91
H301 ZKJ C . 0.26 7.48 12.40
H321 ZKJ C . -3.07 2.84 13.92
H323 ZKJ C . -2.65 2.53 15.42
H322 ZKJ C . -3.48 3.84 15.09
H331 ZKJ C . -3.78 10.42 9.66
H332 ZKJ C . -3.19 9.51 8.52
H333 ZKJ C . -2.21 10.32 9.45
H412 ZKJ C . -7.67 -0.91 5.48
H411 ZKJ C . -7.93 -0.95 7.15
H421 ZKJ C . -5.98 0.34 7.49
H422 ZKJ C . -5.72 0.39 5.82
H431 ZKJ C . -9.36 1.64 7.42
H432 ZKJ C . -8.18 1.24 8.39
H433 ZKJ C . -8.15 2.62 7.63
H441 ZKJ C . -8.19 7.24 4.33
H451 ZKJ C . -9.38 5.86 2.09
H461 ZKJ C . -11.24 6.92 2.52
H472 ZKJ C . -11.01 8.92 3.90
H471 ZKJ C . -9.89 8.17 4.72
H482 ZKJ C . -11.44 6.54 5.40
H481 ZKJ C . -12.58 7.26 4.55
H492 ZKJ C . -6.63 5.99 2.17
H491 ZKJ C . -6.07 7.21 3.17
H502 ZKJ C . -12.86 7.81 6.82
H501 ZKJ C . -12.48 9.12 6.02
H551 ZKJ C . -6.06 15.92 7.80
H553 ZKJ C . -6.82 15.84 9.20
H552 ZKJ C . -7.57 15.41 7.86
H081 ZKJ C . -5.73 6.06 5.65
H131 ZKJ C . -8.77 11.84 6.81
H351 ZKJ C . -7.06 3.69 5.83
C1 EDO D . 9.99 18.68 -12.87
O1 EDO D . 9.92 17.51 -13.68
C2 EDO D . 9.17 19.83 -13.41
O2 EDO D . 7.75 19.68 -13.22
H11 EDO D . 11.03 18.99 -12.80
H12 EDO D . 9.64 18.44 -11.87
HO1 EDO D . 10.49 16.83 -13.31
H21 EDO D . 9.37 19.93 -14.48
H22 EDO D . 9.49 20.75 -12.92
HO2 EDO D . 7.31 20.51 -13.42
C1 EDO E . -6.55 -4.77 13.67
O1 EDO E . -6.96 -5.59 14.77
C2 EDO E . -7.67 -3.82 13.28
O2 EDO E . -8.76 -4.58 12.75
H11 EDO E . -6.28 -5.40 12.82
H12 EDO E . -5.67 -4.19 13.95
HO1 EDO E . -6.18 -5.98 15.19
H21 EDO E . -8.00 -3.25 14.14
H22 EDO E . -7.31 -3.12 12.52
HO2 EDO E . -9.28 -4.03 12.15
C1 EDO F . -10.83 -8.52 5.47
O1 EDO F . -10.01 -9.38 4.68
C2 EDO F . -11.36 -7.40 4.58
O2 EDO F . -11.91 -6.45 5.49
H11 EDO F . -10.25 -8.10 6.29
H12 EDO F . -11.66 -9.08 5.89
HO1 EDO F . -10.22 -10.30 4.90
H21 EDO F . -10.55 -6.95 4.00
H22 EDO F . -12.11 -7.77 3.90
HO2 EDO F . -11.74 -5.55 5.17
S SO4 G . -7.41 -11.51 -14.10
O1 SO4 G . -7.56 -12.89 -14.52
O2 SO4 G . -6.22 -11.03 -14.79
O3 SO4 G . -8.67 -10.85 -14.49
O4 SO4 G . -7.18 -11.46 -12.65
#